data_2AI8
#
_entry.id   2AI8
#
_cell.length_a   139.178
_cell.length_b   63.350
_cell.length_c   85.672
_cell.angle_alpha   90.00
_cell.angle_beta   121.23
_cell.angle_gamma   90.00
#
_symmetry.space_group_name_H-M   'C 1 2 1'
#
loop_
_entity.id
_entity.type
_entity.pdbx_description
1 polymer 'Peptide deformylase'
2 non-polymer 'NICKEL (II) ION'
3 non-polymer [HYDROXY(3-PHENYLPROPYL)AMINO]METHANOL
4 water water
#
_entity_poly.entity_id   1
_entity_poly.type   'polypeptide(L)'
_entity_poly.pdbx_seq_one_letter_code
;SVLQVLHIPDERLRKVAKPVEEVNAEIQRIVDDMFETMYAEEGIGLAATQVDIHQRIIVIDVSENRDERLVLINPELLEK
SGETGIEEGCLSIPEQRALVPRAEKVKIRALDRDGKPFELEADGLLAICIQHEMDHLVGKLFMDYLSPLKQQRIRQKVEK
LDRLKARA
;
_entity_poly.pdbx_strand_id   A,B,C
#
# COMPACT_ATOMS: atom_id res chain seq x y z
N SER A 1 12.19 14.16 -2.15
CA SER A 1 11.64 12.79 -2.33
C SER A 1 11.43 12.51 -3.81
N VAL A 2 11.53 11.23 -4.19
CA VAL A 2 11.32 10.85 -5.58
C VAL A 2 9.91 10.28 -5.66
N LEU A 3 9.16 10.74 -6.65
CA LEU A 3 7.78 10.30 -6.83
C LEU A 3 7.64 9.29 -7.95
N GLN A 4 6.65 8.42 -7.83
CA GLN A 4 6.41 7.42 -8.87
C GLN A 4 5.76 8.15 -10.03
N VAL A 5 6.17 7.80 -11.25
CA VAL A 5 5.61 8.41 -12.44
C VAL A 5 4.59 7.47 -13.05
N LEU A 6 3.39 7.98 -13.28
CA LEU A 6 2.32 7.17 -13.85
C LEU A 6 2.68 6.77 -15.28
N HIS A 7 2.31 5.55 -15.67
CA HIS A 7 2.57 5.04 -17.00
C HIS A 7 1.25 4.77 -17.70
N ILE A 8 1.23 4.86 -19.03
CA ILE A 8 0.02 4.54 -19.75
C ILE A 8 -0.21 3.06 -19.47
N PRO A 9 -1.47 2.59 -19.52
CA PRO A 9 -2.70 3.32 -19.84
C PRO A 9 -3.49 3.85 -18.63
N ASP A 10 -2.81 4.50 -17.71
CA ASP A 10 -3.46 5.04 -16.51
C ASP A 10 -4.38 6.21 -16.84
N GLU A 11 -5.65 6.10 -16.47
CA GLU A 11 -6.61 7.17 -16.75
C GLU A 11 -6.33 8.47 -16.00
N ARG A 12 -5.52 8.40 -14.95
CA ARG A 12 -5.21 9.61 -14.20
C ARG A 12 -4.38 10.56 -15.07
N LEU A 13 -3.74 10.02 -16.10
CA LEU A 13 -2.95 10.82 -17.02
C LEU A 13 -3.83 11.67 -17.92
N ARG A 14 -5.14 11.42 -17.87
CA ARG A 14 -6.10 12.17 -18.69
C ARG A 14 -6.77 13.30 -17.92
N LYS A 15 -6.48 13.41 -16.63
CA LYS A 15 -7.08 14.46 -15.81
C LYS A 15 -6.55 15.85 -16.16
N VAL A 16 -7.46 16.82 -16.17
CA VAL A 16 -7.10 18.20 -16.49
C VAL A 16 -6.70 18.91 -15.20
N ALA A 17 -5.48 19.43 -15.18
CA ALA A 17 -4.94 20.10 -14.01
C ALA A 17 -5.62 21.42 -13.68
N LYS A 18 -5.73 21.72 -12.39
CA LYS A 18 -6.33 22.98 -11.97
C LYS A 18 -5.18 23.97 -11.75
N PRO A 19 -5.45 25.28 -11.86
CA PRO A 19 -4.39 26.27 -11.66
C PRO A 19 -3.91 26.25 -10.21
N VAL A 20 -2.66 26.60 -9.98
CA VAL A 20 -2.10 26.67 -8.63
C VAL A 20 -2.67 27.95 -8.04
N GLU A 21 -3.27 27.83 -6.85
CA GLU A 21 -3.88 28.97 -6.17
C GLU A 21 -2.86 29.94 -5.59
N GLU A 22 -1.77 29.40 -5.07
CA GLU A 22 -0.73 30.22 -4.45
C GLU A 22 0.58 29.43 -4.44
N VAL A 23 1.68 30.08 -4.81
CA VAL A 23 2.96 29.41 -4.80
C VAL A 23 3.53 29.54 -3.39
N ASN A 24 3.28 28.53 -2.57
CA ASN A 24 3.74 28.52 -1.19
C ASN A 24 4.71 27.37 -0.92
N ALA A 25 5.02 27.15 0.35
CA ALA A 25 5.95 26.09 0.73
C ALA A 25 5.51 24.72 0.23
N GLU A 26 4.21 24.45 0.28
CA GLU A 26 3.69 23.16 -0.18
C GLU A 26 3.99 22.97 -1.66
N ILE A 27 3.69 23.99 -2.46
CA ILE A 27 3.94 23.93 -3.90
C ILE A 27 5.42 23.82 -4.18
N GLN A 28 6.23 24.52 -3.40
CA GLN A 28 7.67 24.47 -3.60
C GLN A 28 8.26 23.10 -3.28
N ARG A 29 7.65 22.39 -2.33
CA ARG A 29 8.13 21.05 -2.01
C ARG A 29 7.80 20.14 -3.20
N ILE A 30 6.62 20.33 -3.78
CA ILE A 30 6.21 19.54 -4.94
C ILE A 30 7.16 19.80 -6.10
N VAL A 31 7.49 21.07 -6.33
CA VAL A 31 8.41 21.44 -7.40
C VAL A 31 9.76 20.75 -7.21
N ASP A 32 10.29 20.80 -5.99
CA ASP A 32 11.58 20.18 -5.74
C ASP A 32 11.53 18.67 -5.91
N ASP A 33 10.46 18.03 -5.45
CA ASP A 33 10.34 16.59 -5.61
C ASP A 33 10.20 16.24 -7.10
N MET A 34 9.54 17.10 -7.86
CA MET A 34 9.38 16.84 -9.29
C MET A 34 10.74 16.90 -9.99
N PHE A 35 11.59 17.84 -9.60
CA PHE A 35 12.93 17.94 -10.18
C PHE A 35 13.73 16.69 -9.81
N GLU A 36 13.64 16.29 -8.55
CA GLU A 36 14.38 15.11 -8.11
C GLU A 36 13.92 13.89 -8.90
N THR A 37 12.63 13.79 -9.14
CA THR A 37 12.07 12.67 -9.88
C THR A 37 12.52 12.72 -11.33
N MET A 38 12.44 13.91 -11.93
CA MET A 38 12.85 14.10 -13.32
C MET A 38 14.32 13.71 -13.53
N TYR A 39 15.20 14.19 -12.65
CA TYR A 39 16.62 13.87 -12.77
C TYR A 39 16.91 12.39 -12.52
N ALA A 40 16.23 11.82 -11.54
CA ALA A 40 16.43 10.41 -11.22
C ALA A 40 16.03 9.51 -12.39
N GLU A 41 14.98 9.91 -13.10
CA GLU A 41 14.48 9.16 -14.24
C GLU A 41 15.11 9.60 -15.57
N GLU A 42 16.05 10.54 -15.48
CA GLU A 42 16.77 11.05 -16.65
C GLU A 42 15.88 11.70 -17.71
N GLY A 43 14.93 12.51 -17.27
CA GLY A 43 14.06 13.20 -18.21
C GLY A 43 14.47 14.65 -18.32
N ILE A 44 13.91 15.36 -19.31
CA ILE A 44 14.21 16.78 -19.49
C ILE A 44 13.00 17.62 -19.13
N GLY A 45 11.92 16.94 -18.74
CA GLY A 45 10.70 17.64 -18.36
C GLY A 45 9.78 16.73 -17.58
N LEU A 46 8.91 17.31 -16.77
CA LEU A 46 7.96 16.55 -15.99
C LEU A 46 6.80 17.45 -15.62
N ALA A 47 5.58 16.95 -15.80
CA ALA A 47 4.38 17.70 -15.47
C ALA A 47 3.78 17.07 -14.21
N ALA A 48 3.19 17.89 -13.35
CA ALA A 48 2.62 17.39 -12.11
C ALA A 48 1.62 16.25 -12.33
N THR A 49 0.87 16.32 -13.42
CA THR A 49 -0.11 15.31 -13.76
C THR A 49 0.53 13.91 -13.78
N GLN A 50 1.77 13.85 -14.25
CA GLN A 50 2.50 12.59 -14.35
C GLN A 50 2.81 11.94 -13.00
N VAL A 51 2.78 12.72 -11.93
CA VAL A 51 3.03 12.17 -10.60
C VAL A 51 1.76 12.19 -9.75
N ASP A 52 0.62 12.26 -10.44
CA ASP A 52 -0.71 12.26 -9.82
C ASP A 52 -1.01 13.49 -8.97
N ILE A 53 -0.45 14.63 -9.38
CA ILE A 53 -0.69 15.91 -8.71
C ILE A 53 -1.33 16.73 -9.83
N HIS A 54 -2.63 16.97 -9.71
CA HIS A 54 -3.33 17.66 -10.76
C HIS A 54 -3.47 19.16 -10.63
N GLN A 55 -2.32 19.81 -10.73
CA GLN A 55 -2.19 21.26 -10.68
C GLN A 55 -1.23 21.63 -11.79
N ARG A 56 -1.36 22.87 -12.29
CA ARG A 56 -0.53 23.32 -13.40
C ARG A 56 0.90 23.68 -12.99
N ILE A 57 1.70 22.64 -12.79
CA ILE A 57 3.09 22.78 -12.40
C ILE A 57 3.95 21.96 -13.35
N ILE A 58 4.99 22.58 -13.89
CA ILE A 58 5.90 21.92 -14.81
C ILE A 58 7.35 22.24 -14.46
N VAL A 59 8.21 21.23 -14.49
CA VAL A 59 9.63 21.45 -14.24
C VAL A 59 10.35 20.98 -15.50
N ILE A 60 11.39 21.71 -15.89
CA ILE A 60 12.13 21.41 -17.10
C ILE A 60 13.62 21.72 -16.96
N ASP A 61 14.44 20.94 -17.66
CA ASP A 61 15.87 21.18 -17.72
C ASP A 61 16.35 20.58 -19.02
N VAL A 62 16.64 21.45 -19.98
CA VAL A 62 17.12 21.01 -21.29
C VAL A 62 18.62 21.23 -21.47
N SER A 63 19.30 21.60 -20.39
CA SER A 63 20.74 21.86 -20.45
C SER A 63 21.57 20.59 -20.57
N GLU A 64 22.74 20.73 -21.19
CA GLU A 64 23.65 19.61 -21.40
C GLU A 64 24.20 19.11 -20.06
N ASN A 65 24.51 20.03 -19.15
CA ASN A 65 25.06 19.66 -17.85
C ASN A 65 24.01 19.33 -16.79
N ARG A 66 22.74 19.42 -17.16
CA ARG A 66 21.65 19.09 -16.24
C ARG A 66 21.67 19.94 -14.96
N ASP A 67 21.98 21.23 -15.11
CA ASP A 67 22.03 22.13 -13.96
C ASP A 67 21.36 23.46 -14.25
N GLU A 68 20.29 23.43 -15.02
CA GLU A 68 19.55 24.64 -15.37
C GLU A 68 18.07 24.38 -15.17
N ARG A 69 17.60 24.64 -13.96
CA ARG A 69 16.21 24.41 -13.60
C ARG A 69 15.24 25.49 -14.07
N LEU A 70 14.21 25.05 -14.77
CA LEU A 70 13.16 25.94 -15.26
C LEU A 70 11.84 25.49 -14.66
N VAL A 71 11.12 26.42 -14.04
CA VAL A 71 9.85 26.12 -13.43
C VAL A 71 8.73 26.91 -14.09
N LEU A 72 7.69 26.21 -14.52
CA LEU A 72 6.54 26.85 -15.14
C LEU A 72 5.29 26.53 -14.32
N ILE A 73 4.81 27.52 -13.58
CA ILE A 73 3.60 27.33 -12.79
C ILE A 73 2.52 28.18 -13.45
N ASN A 74 1.36 27.60 -13.68
CA ASN A 74 0.25 28.27 -14.35
C ASN A 74 0.70 28.86 -15.68
N PRO A 75 1.34 28.04 -16.52
CA PRO A 75 1.81 28.55 -17.82
C PRO A 75 0.64 28.92 -18.74
N GLU A 76 0.82 29.97 -19.52
CA GLU A 76 -0.20 30.41 -20.47
C GLU A 76 0.46 30.70 -21.81
N LEU A 77 -0.07 30.10 -22.87
CA LEU A 77 0.47 30.31 -24.21
C LEU A 77 0.02 31.67 -24.74
N LEU A 78 0.97 32.53 -25.04
CA LEU A 78 0.68 33.87 -25.53
C LEU A 78 0.77 33.99 -27.05
N GLU A 79 1.73 33.29 -27.65
CA GLU A 79 1.90 33.32 -29.09
C GLU A 79 2.72 32.10 -29.52
N LYS A 80 2.53 31.68 -30.77
CA LYS A 80 3.27 30.54 -31.29
C LYS A 80 3.37 30.69 -32.80
N SER A 81 4.42 30.11 -33.39
CA SER A 81 4.60 30.20 -34.83
C SER A 81 5.40 29.04 -35.39
N GLY A 82 5.22 28.80 -36.68
CA GLY A 82 5.93 27.74 -37.35
C GLY A 82 5.55 26.33 -36.95
N GLU A 83 6.25 25.36 -37.52
CA GLU A 83 6.00 23.96 -37.20
C GLU A 83 7.33 23.23 -37.15
N THR A 84 7.37 22.18 -36.35
CA THR A 84 8.59 21.38 -36.22
C THR A 84 8.21 20.03 -35.66
N GLY A 85 9.21 19.18 -35.46
CA GLY A 85 8.96 17.88 -34.92
C GLY A 85 10.25 17.12 -34.71
N ILE A 86 10.36 16.47 -33.56
CA ILE A 86 11.53 15.66 -33.23
C ILE A 86 10.98 14.40 -32.58
N GLU A 87 11.81 13.38 -32.44
CA GLU A 87 11.34 12.15 -31.82
C GLU A 87 11.29 12.37 -30.31
N GLU A 88 10.08 12.60 -29.81
CA GLU A 88 9.86 12.86 -28.40
C GLU A 88 9.74 11.60 -27.56
N GLY A 89 10.16 11.72 -26.30
CA GLY A 89 10.06 10.62 -25.36
C GLY A 89 9.19 11.13 -24.23
N CYS A 90 8.86 10.27 -23.28
CA CYS A 90 8.02 10.65 -22.15
C CYS A 90 8.18 9.62 -21.05
N LEU A 91 8.37 10.09 -19.82
CA LEU A 91 8.54 9.19 -18.70
C LEU A 91 7.28 8.38 -18.40
N SER A 92 6.14 8.81 -18.95
CA SER A 92 4.89 8.09 -18.75
C SER A 92 4.69 7.05 -19.86
N ILE A 93 5.56 7.10 -20.87
CA ILE A 93 5.53 6.16 -21.98
C ILE A 93 6.97 5.70 -22.10
N PRO A 94 7.48 5.04 -21.04
CA PRO A 94 8.86 4.53 -20.98
C PRO A 94 9.48 3.86 -22.19
N GLU A 95 10.67 4.34 -22.55
CA GLU A 95 11.47 3.82 -23.64
C GLU A 95 10.91 3.91 -25.05
N GLN A 96 9.80 4.62 -25.22
CA GLN A 96 9.22 4.77 -26.56
C GLN A 96 9.39 6.21 -27.04
N ARG A 97 9.73 6.36 -28.31
CA ARG A 97 9.92 7.69 -28.88
C ARG A 97 9.26 7.80 -30.26
N ALA A 98 8.66 8.95 -30.52
CA ALA A 98 7.99 9.18 -31.79
C ALA A 98 7.92 10.67 -32.10
N LEU A 99 7.98 11.00 -33.38
CA LEU A 99 7.88 12.39 -33.79
C LEU A 99 6.43 12.82 -33.81
N VAL A 100 6.16 14.03 -33.34
CA VAL A 100 4.81 14.57 -33.35
C VAL A 100 4.89 16.04 -33.73
N PRO A 101 3.84 16.57 -34.37
CA PRO A 101 3.82 17.99 -34.77
C PRO A 101 3.79 18.95 -33.60
N ARG A 102 4.61 20.00 -33.67
CA ARG A 102 4.67 21.01 -32.63
C ARG A 102 4.92 22.38 -33.28
N ALA A 103 4.62 23.45 -32.56
CA ALA A 103 4.89 24.78 -33.09
C ALA A 103 6.41 24.91 -32.95
N GLU A 104 7.05 25.66 -33.83
CA GLU A 104 8.51 25.82 -33.76
C GLU A 104 8.92 26.76 -32.64
N LYS A 105 8.17 27.84 -32.47
CA LYS A 105 8.48 28.81 -31.44
C LYS A 105 7.24 29.15 -30.62
N VAL A 106 7.44 29.45 -29.35
CA VAL A 106 6.34 29.80 -28.48
C VAL A 106 6.73 30.89 -27.50
N LYS A 107 5.73 31.65 -27.06
CA LYS A 107 5.94 32.69 -26.08
C LYS A 107 4.91 32.40 -25.01
N ILE A 108 5.36 32.27 -23.78
CA ILE A 108 4.45 31.97 -22.69
C ILE A 108 4.73 32.88 -21.52
N ARG A 109 3.80 32.91 -20.58
CA ARG A 109 3.98 33.66 -19.36
C ARG A 109 3.62 32.64 -18.29
N ALA A 110 4.27 32.72 -17.14
CA ALA A 110 4.01 31.78 -16.07
C ALA A 110 4.57 32.35 -14.79
N LEU A 111 4.52 31.56 -13.72
CA LEU A 111 5.06 31.97 -12.43
C LEU A 111 6.25 31.07 -12.13
N ASP A 112 7.30 31.64 -11.54
CA ASP A 112 8.48 30.83 -11.22
C ASP A 112 8.32 30.17 -9.84
N ARG A 113 9.38 29.50 -9.38
CA ARG A 113 9.34 28.81 -8.10
C ARG A 113 9.01 29.73 -6.93
N ASP A 114 9.26 31.03 -7.09
CA ASP A 114 8.99 32.00 -6.04
C ASP A 114 7.61 32.62 -6.20
N GLY A 115 6.94 32.29 -7.30
CA GLY A 115 5.62 32.84 -7.56
C GLY A 115 5.70 34.13 -8.36
N LYS A 116 6.90 34.48 -8.82
CA LYS A 116 7.08 35.71 -9.59
C LYS A 116 6.74 35.49 -11.06
N PRO A 117 5.89 36.36 -11.62
CA PRO A 117 5.49 36.23 -13.03
C PRO A 117 6.65 36.54 -13.96
N PHE A 118 6.70 35.83 -15.09
CA PHE A 118 7.74 36.07 -16.07
C PHE A 118 7.24 35.64 -17.44
N GLU A 119 7.87 36.18 -18.49
CA GLU A 119 7.51 35.83 -19.84
C GLU A 119 8.72 35.13 -20.44
N LEU A 120 8.46 34.16 -21.32
CA LEU A 120 9.54 33.40 -21.94
C LEU A 120 9.29 33.11 -23.40
N GLU A 121 10.26 33.45 -24.24
CA GLU A 121 10.18 33.18 -25.66
C GLU A 121 11.15 32.04 -25.92
N ALA A 122 10.66 30.95 -26.48
CA ALA A 122 11.51 29.79 -26.72
C ALA A 122 11.39 29.21 -28.12
N ASP A 123 12.43 28.51 -28.53
CA ASP A 123 12.47 27.83 -29.82
C ASP A 123 13.22 26.53 -29.59
N GLY A 124 13.55 25.85 -30.68
CA GLY A 124 14.28 24.59 -30.55
C GLY A 124 13.67 23.58 -29.60
N LEU A 125 14.53 22.85 -28.89
CA LEU A 125 14.09 21.83 -27.96
C LEU A 125 13.24 22.38 -26.82
N LEU A 126 13.62 23.54 -26.29
CA LEU A 126 12.85 24.12 -25.19
C LEU A 126 11.39 24.36 -25.57
N ALA A 127 11.16 24.91 -26.76
CA ALA A 127 9.80 25.18 -27.22
C ALA A 127 8.99 23.88 -27.31
N ILE A 128 9.62 22.84 -27.84
CA ILE A 128 8.97 21.55 -27.97
C ILE A 128 8.64 20.97 -26.60
N CYS A 129 9.61 21.02 -25.69
N CYS A 129 9.61 21.02 -25.69
CA CYS A 129 9.43 20.51 -24.34
CA CYS A 129 9.42 20.51 -24.33
C CYS A 129 8.28 21.23 -23.64
C CYS A 129 8.28 21.23 -23.64
N ILE A 130 8.24 22.55 -23.76
CA ILE A 130 7.18 23.33 -23.13
C ILE A 130 5.80 22.86 -23.62
N GLN A 131 5.67 22.65 -24.92
CA GLN A 131 4.39 22.21 -25.49
C GLN A 131 4.04 20.81 -25.02
N HIS A 132 5.03 19.93 -24.97
CA HIS A 132 4.83 18.56 -24.52
C HIS A 132 4.32 18.58 -23.08
N GLU A 133 4.99 19.33 -22.22
CA GLU A 133 4.59 19.40 -20.82
C GLU A 133 3.22 20.05 -20.63
N MET A 134 2.93 21.09 -21.39
CA MET A 134 1.63 21.74 -21.25
C MET A 134 0.52 20.81 -21.69
N ASP A 135 0.82 19.93 -22.65
CA ASP A 135 -0.17 18.95 -23.11
C ASP A 135 -0.55 18.05 -21.93
N HIS A 136 0.43 17.64 -21.13
CA HIS A 136 0.14 16.77 -19.99
C HIS A 136 -0.89 17.39 -19.06
N LEU A 137 -0.81 18.70 -18.87
CA LEU A 137 -1.72 19.41 -17.99
C LEU A 137 -3.16 19.41 -18.46
N VAL A 138 -3.37 19.10 -19.75
CA VAL A 138 -4.73 19.03 -20.26
C VAL A 138 -5.06 17.59 -20.66
N GLY A 139 -4.33 16.67 -20.05
CA GLY A 139 -4.55 15.25 -20.28
C GLY A 139 -4.18 14.70 -21.64
N LYS A 140 -3.20 15.31 -22.30
CA LYS A 140 -2.78 14.85 -23.62
C LYS A 140 -1.37 14.26 -23.59
N LEU A 141 -1.17 13.21 -24.38
CA LEU A 141 0.11 12.51 -24.47
C LEU A 141 0.60 12.54 -25.91
N PHE A 142 1.91 12.42 -26.13
CA PHE A 142 2.41 12.49 -27.49
C PHE A 142 1.89 11.37 -28.40
N MET A 143 1.59 10.22 -27.81
CA MET A 143 1.08 9.12 -28.61
C MET A 143 -0.29 9.42 -29.19
N ASP A 144 -0.98 10.41 -28.63
CA ASP A 144 -2.31 10.78 -29.10
C ASP A 144 -2.29 11.30 -30.55
N TYR A 145 -1.13 11.74 -31.01
CA TYR A 145 -1.00 12.27 -32.37
C TYR A 145 -0.64 11.20 -33.39
N LEU A 146 -0.50 9.96 -32.92
CA LEU A 146 -0.13 8.85 -33.80
C LEU A 146 -1.32 8.02 -34.25
N SER A 147 -1.10 7.17 -35.25
CA SER A 147 -2.16 6.32 -35.77
C SER A 147 -2.55 5.27 -34.73
N PRO A 148 -3.75 4.68 -34.86
CA PRO A 148 -4.19 3.65 -33.91
C PRO A 148 -3.19 2.50 -33.84
N LEU A 149 -2.62 2.12 -34.99
CA LEU A 149 -1.66 1.04 -35.02
C LEU A 149 -0.41 1.42 -34.22
N LYS A 150 0.09 2.63 -34.46
CA LYS A 150 1.27 3.11 -33.75
C LYS A 150 1.00 3.14 -32.25
N GLN A 151 -0.18 3.63 -31.88
CA GLN A 151 -0.55 3.69 -30.47
C GLN A 151 -0.62 2.32 -29.83
N GLN A 152 -1.24 1.36 -30.52
CA GLN A 152 -1.38 0.02 -30.00
C GLN A 152 -0.01 -0.61 -29.76
N ARG A 153 0.91 -0.41 -30.70
CA ARG A 153 2.26 -0.96 -30.56
C ARG A 153 2.97 -0.38 -29.35
N ILE A 154 2.83 0.93 -29.16
CA ILE A 154 3.44 1.62 -28.02
C ILE A 154 2.85 1.11 -26.72
N ARG A 155 1.53 0.99 -26.70
CA ARG A 155 0.79 0.50 -25.54
C ARG A 155 1.33 -0.87 -25.10
N GLN A 156 1.45 -1.79 -26.05
CA GLN A 156 1.92 -3.13 -25.76
C GLN A 156 3.38 -3.17 -25.28
N LYS A 157 4.21 -2.30 -25.83
CA LYS A 157 5.61 -2.27 -25.42
C LYS A 157 5.76 -1.77 -23.99
N VAL A 158 4.99 -0.73 -23.63
CA VAL A 158 5.07 -0.21 -22.27
C VAL A 158 4.55 -1.23 -21.27
N GLU A 159 3.43 -1.87 -21.61
CA GLU A 159 2.85 -2.87 -20.70
C GLU A 159 3.83 -4.03 -20.51
N LYS A 160 4.54 -4.40 -21.57
CA LYS A 160 5.52 -5.49 -21.48
C LYS A 160 6.66 -5.07 -20.55
N LEU A 161 7.10 -3.84 -20.68
CA LEU A 161 8.20 -3.32 -19.86
C LEU A 161 7.84 -3.35 -18.38
N ASP A 162 6.65 -2.87 -18.05
CA ASP A 162 6.22 -2.85 -16.66
C ASP A 162 5.97 -4.25 -16.13
N ARG A 163 5.63 -5.15 -17.05
CA ARG A 163 5.38 -6.54 -16.70
C ARG A 163 6.70 -7.14 -16.22
N LEU A 164 7.76 -6.87 -16.97
CA LEU A 164 9.09 -7.36 -16.63
C LEU A 164 9.59 -6.72 -15.34
N LYS A 165 9.33 -5.42 -15.20
CA LYS A 165 9.74 -4.68 -14.02
C LYS A 165 9.09 -5.27 -12.77
N ALA A 166 7.85 -5.73 -12.91
CA ALA A 166 7.13 -6.32 -11.78
C ALA A 166 7.40 -7.82 -11.70
N SER B 1 -18.22 -25.54 -8.58
CA SER B 1 -17.20 -26.62 -8.48
C SER B 1 -16.77 -26.83 -7.03
N VAL B 2 -16.65 -28.10 -6.63
CA VAL B 2 -16.23 -28.44 -5.27
C VAL B 2 -14.72 -28.31 -5.17
N LEU B 3 -14.26 -27.52 -4.21
CA LEU B 3 -12.83 -27.30 -3.99
C LEU B 3 -12.28 -28.20 -2.91
N GLN B 4 -10.97 -28.47 -2.99
CA GLN B 4 -10.31 -29.31 -2.01
C GLN B 4 -10.12 -28.51 -0.73
N VAL B 5 -10.38 -29.14 0.41
CA VAL B 5 -10.22 -28.48 1.69
C VAL B 5 -8.87 -28.89 2.26
N LEU B 6 -8.04 -27.91 2.59
CA LEU B 6 -6.71 -28.17 3.13
C LEU B 6 -6.80 -28.73 4.54
N HIS B 7 -5.89 -29.62 4.87
CA HIS B 7 -5.83 -30.24 6.20
C HIS B 7 -4.50 -29.90 6.85
N ILE B 8 -4.48 -29.81 8.18
CA ILE B 8 -3.22 -29.56 8.87
C ILE B 8 -2.39 -30.80 8.57
N PRO B 9 -1.06 -30.69 8.61
CA PRO B 9 -0.24 -29.50 8.91
C PRO B 9 0.15 -28.64 7.71
N ASP B 10 -0.74 -28.53 6.72
CA ASP B 10 -0.46 -27.71 5.54
C ASP B 10 -0.21 -26.27 5.97
N GLU B 11 0.96 -25.74 5.68
CA GLU B 11 1.28 -24.37 6.07
C GLU B 11 0.48 -23.31 5.34
N ARG B 12 -0.23 -23.70 4.28
CA ARG B 12 -1.03 -22.74 3.54
C ARG B 12 -2.20 -22.28 4.42
N LEU B 13 -2.54 -23.09 5.41
CA LEU B 13 -3.62 -22.77 6.34
C LEU B 13 -3.20 -21.66 7.29
N ARG B 14 -1.91 -21.35 7.31
CA ARG B 14 -1.39 -20.30 8.18
C ARG B 14 -1.25 -18.96 7.46
N LYS B 15 -1.56 -18.93 6.18
CA LYS B 15 -1.47 -17.71 5.40
C LYS B 15 -2.55 -16.70 5.78
N VAL B 16 -2.15 -15.44 5.86
CA VAL B 16 -3.07 -14.35 6.20
C VAL B 16 -3.71 -13.82 4.94
N ALA B 17 -5.04 -13.90 4.87
CA ALA B 17 -5.78 -13.45 3.70
C ALA B 17 -5.75 -11.94 3.50
N LYS B 18 -5.74 -11.52 2.24
CA LYS B 18 -5.75 -10.10 1.94
C LYS B 18 -7.20 -9.69 1.75
N PRO B 19 -7.52 -8.43 2.02
CA PRO B 19 -8.92 -7.99 1.85
C PRO B 19 -9.34 -8.02 0.39
N VAL B 20 -10.62 -8.28 0.15
CA VAL B 20 -11.16 -8.30 -1.20
C VAL B 20 -11.15 -6.85 -1.68
N GLU B 21 -10.67 -6.63 -2.89
CA GLU B 21 -10.63 -5.28 -3.45
C GLU B 21 -11.97 -4.85 -4.04
N GLU B 22 -12.49 -5.66 -4.95
CA GLU B 22 -13.77 -5.38 -5.59
C GLU B 22 -14.57 -6.67 -5.68
N VAL B 23 -15.82 -6.62 -5.24
CA VAL B 23 -16.68 -7.80 -5.29
C VAL B 23 -17.24 -7.92 -6.71
N ASN B 24 -16.49 -8.58 -7.57
CA ASN B 24 -16.90 -8.77 -8.96
C ASN B 24 -17.33 -10.20 -9.24
N ALA B 25 -17.44 -10.53 -10.52
CA ALA B 25 -17.85 -11.87 -10.95
C ALA B 25 -16.96 -12.98 -10.41
N GLU B 26 -15.64 -12.77 -10.46
CA GLU B 26 -14.70 -13.77 -9.98
C GLU B 26 -14.90 -14.04 -8.49
N ILE B 27 -15.14 -12.98 -7.72
CA ILE B 27 -15.35 -13.12 -6.29
C ILE B 27 -16.64 -13.91 -6.03
N GLN B 28 -17.68 -13.58 -6.77
CA GLN B 28 -18.95 -14.25 -6.62
C GLN B 28 -18.83 -15.73 -7.02
N ARG B 29 -17.92 -16.02 -7.94
CA ARG B 29 -17.69 -17.39 -8.38
C ARG B 29 -17.03 -18.13 -7.21
N ILE B 30 -16.10 -17.45 -6.55
CA ILE B 30 -15.40 -18.01 -5.41
C ILE B 30 -16.41 -18.31 -4.31
N VAL B 31 -17.29 -17.35 -4.05
CA VAL B 31 -18.32 -17.51 -3.04
C VAL B 31 -19.19 -18.73 -3.36
N ASP B 32 -19.56 -18.87 -4.63
CA ASP B 32 -20.39 -20.00 -5.03
C ASP B 32 -19.67 -21.33 -4.86
N ASP B 33 -18.40 -21.38 -5.25
CA ASP B 33 -17.63 -22.61 -5.11
C ASP B 33 -17.48 -22.95 -3.63
N MET B 34 -17.35 -21.91 -2.80
CA MET B 34 -17.20 -22.12 -1.37
C MET B 34 -18.47 -22.71 -0.77
N PHE B 35 -19.63 -22.20 -1.17
CA PHE B 35 -20.90 -22.72 -0.67
C PHE B 35 -21.07 -24.16 -1.14
N GLU B 36 -20.72 -24.42 -2.40
CA GLU B 36 -20.84 -25.77 -2.94
C GLU B 36 -19.97 -26.74 -2.16
N THR B 37 -18.75 -26.31 -1.86
CA THR B 37 -17.80 -27.13 -1.11
C THR B 37 -18.29 -27.37 0.30
N MET B 38 -18.75 -26.30 0.96
CA MET B 38 -19.26 -26.37 2.32
C MET B 38 -20.41 -27.36 2.43
N TYR B 39 -21.41 -27.21 1.56
CA TYR B 39 -22.57 -28.10 1.58
C TYR B 39 -22.16 -29.55 1.31
N ALA B 40 -21.20 -29.74 0.40
CA ALA B 40 -20.72 -31.07 0.06
C ALA B 40 -20.10 -31.74 1.27
N GLU B 41 -19.39 -30.95 2.07
CA GLU B 41 -18.73 -31.46 3.28
C GLU B 41 -19.70 -31.43 4.46
N GLU B 42 -20.94 -31.04 4.20
CA GLU B 42 -21.97 -30.97 5.22
C GLU B 42 -21.59 -30.06 6.39
N GLY B 43 -20.92 -28.96 6.08
CA GLY B 43 -20.52 -28.02 7.12
C GLY B 43 -21.45 -26.82 7.12
N ILE B 44 -21.34 -25.96 8.14
CA ILE B 44 -22.19 -24.77 8.21
C ILE B 44 -21.41 -23.47 8.08
N GLY B 45 -20.10 -23.60 7.86
CA GLY B 45 -19.25 -22.44 7.69
C GLY B 45 -17.98 -22.84 6.97
N LEU B 46 -17.36 -21.89 6.26
CA LEU B 46 -16.13 -22.15 5.53
C LEU B 46 -15.42 -20.83 5.24
N ALA B 47 -14.11 -20.81 5.40
CA ALA B 47 -13.31 -19.62 5.13
C ALA B 47 -12.48 -19.88 3.88
N ALA B 48 -12.29 -18.85 3.07
CA ALA B 48 -11.54 -18.98 1.83
C ALA B 48 -10.17 -19.63 2.03
N THR B 49 -9.50 -19.27 3.12
CA THR B 49 -8.18 -19.81 3.42
C THR B 49 -8.15 -21.34 3.38
N GLN B 50 -9.24 -21.96 3.83
CA GLN B 50 -9.35 -23.41 3.88
C GLN B 50 -9.31 -24.09 2.53
N VAL B 51 -9.66 -23.35 1.48
CA VAL B 51 -9.66 -23.91 0.13
C VAL B 51 -8.53 -23.28 -0.69
N ASP B 52 -7.51 -22.82 0.00
CA ASP B 52 -6.33 -22.23 -0.60
C ASP B 52 -6.59 -20.95 -1.41
N ILE B 53 -7.58 -20.18 -0.97
CA ILE B 53 -7.92 -18.90 -1.60
C ILE B 53 -7.67 -17.90 -0.49
N HIS B 54 -6.63 -17.09 -0.65
CA HIS B 54 -6.26 -16.16 0.40
C HIS B 54 -6.79 -14.74 0.31
N GLN B 55 -8.11 -14.64 0.42
CA GLN B 55 -8.83 -13.38 0.42
C GLN B 55 -9.81 -13.47 1.57
N ARG B 56 -10.17 -12.33 2.15
CA ARG B 56 -11.09 -12.32 3.28
C ARG B 56 -12.54 -12.58 2.87
N ILE B 57 -12.84 -13.86 2.68
CA ILE B 57 -14.18 -14.30 2.29
C ILE B 57 -14.63 -15.46 3.16
N ILE B 58 -15.83 -15.33 3.71
CA ILE B 58 -16.42 -16.36 4.56
C ILE B 58 -17.85 -16.64 4.15
N VAL B 59 -18.23 -17.91 4.12
CA VAL B 59 -19.59 -18.28 3.78
C VAL B 59 -20.15 -19.10 4.95
N ILE B 60 -21.41 -18.84 5.27
CA ILE B 60 -22.07 -19.53 6.37
C ILE B 60 -23.52 -19.87 6.03
N ASP B 61 -23.98 -21.02 6.53
CA ASP B 61 -25.36 -21.45 6.37
C ASP B 61 -25.60 -22.57 7.38
N VAL B 62 -26.29 -22.25 8.46
CA VAL B 62 -26.56 -23.24 9.50
C VAL B 62 -27.90 -23.92 9.29
N SER B 63 -28.66 -23.46 8.30
CA SER B 63 -29.99 -24.01 8.02
C SER B 63 -30.01 -25.48 7.59
N GLU B 64 -31.02 -26.19 8.05
CA GLU B 64 -31.18 -27.59 7.71
C GLU B 64 -31.48 -27.75 6.23
N ASN B 65 -32.31 -26.86 5.70
CA ASN B 65 -32.69 -26.91 4.28
C ASN B 65 -31.64 -26.28 3.36
N ARG B 66 -30.55 -25.80 3.94
CA ARG B 66 -29.48 -25.18 3.17
C ARG B 66 -30.01 -24.05 2.29
N ASP B 67 -30.79 -23.16 2.88
CA ASP B 67 -31.34 -22.04 2.12
C ASP B 67 -31.31 -20.72 2.91
N GLU B 68 -30.28 -20.58 3.74
CA GLU B 68 -30.10 -19.36 4.53
C GLU B 68 -28.64 -18.96 4.45
N ARG B 69 -28.20 -18.67 3.23
CA ARG B 69 -26.81 -18.29 2.99
C ARG B 69 -26.41 -16.94 3.57
N LEU B 70 -25.25 -16.91 4.19
CA LEU B 70 -24.69 -15.71 4.79
C LEU B 70 -23.28 -15.55 4.24
N VAL B 71 -23.00 -14.38 3.67
CA VAL B 71 -21.68 -14.13 3.11
C VAL B 71 -21.01 -12.98 3.84
N LEU B 72 -19.78 -13.22 4.30
CA LEU B 72 -19.02 -12.19 5.00
C LEU B 72 -17.74 -11.89 4.24
N ILE B 73 -17.71 -10.77 3.54
CA ILE B 73 -16.52 -10.36 2.80
C ILE B 73 -15.89 -9.20 3.57
N ASN B 74 -14.58 -9.27 3.80
CA ASN B 74 -13.87 -8.25 4.56
C ASN B 74 -14.57 -7.96 5.89
N PRO B 75 -14.87 -9.02 6.66
CA PRO B 75 -15.54 -8.82 7.95
C PRO B 75 -14.68 -8.05 8.95
N GLU B 76 -15.35 -7.22 9.75
CA GLU B 76 -14.66 -6.43 10.78
C GLU B 76 -15.43 -6.60 12.09
N LEU B 77 -14.69 -6.87 13.16
CA LEU B 77 -15.29 -7.03 14.48
C LEU B 77 -15.47 -5.65 15.09
N LEU B 78 -16.72 -5.24 15.29
CA LEU B 78 -17.00 -3.92 15.87
C LEU B 78 -17.06 -3.98 17.39
N GLU B 79 -17.64 -5.05 17.93
CA GLU B 79 -17.76 -5.20 19.37
C GLU B 79 -17.96 -6.67 19.71
N LYS B 80 -17.58 -7.05 20.92
CA LYS B 80 -17.74 -8.42 21.39
C LYS B 80 -17.87 -8.38 22.89
N SER B 81 -18.48 -9.40 23.47
CA SER B 81 -18.65 -9.46 24.92
C SER B 81 -18.91 -10.88 25.42
N GLY B 82 -18.64 -11.08 26.71
CA GLY B 82 -18.88 -12.37 27.33
C GLY B 82 -17.91 -13.46 26.94
N GLU B 83 -18.13 -14.65 27.50
CA GLU B 83 -17.28 -15.80 27.20
C GLU B 83 -18.17 -17.01 27.06
N THR B 84 -17.76 -17.93 26.20
CA THR B 84 -18.53 -19.15 26.01
C THR B 84 -17.62 -20.16 25.34
N GLY B 85 -18.17 -21.33 25.06
CA GLY B 85 -17.38 -22.34 24.40
C GLY B 85 -18.10 -23.66 24.21
N ILE B 86 -17.88 -24.27 23.05
CA ILE B 86 -18.46 -25.56 22.74
C ILE B 86 -17.31 -26.39 22.20
N GLU B 87 -17.51 -27.69 22.02
CA GLU B 87 -16.46 -28.51 21.46
C GLU B 87 -16.55 -28.29 19.96
N GLU B 88 -15.60 -27.53 19.43
CA GLU B 88 -15.57 -27.22 18.01
C GLU B 88 -14.84 -28.26 17.20
N GLY B 89 -15.21 -28.33 15.92
CA GLY B 89 -14.57 -29.24 15.00
C GLY B 89 -14.11 -28.33 13.86
N CYS B 90 -13.44 -28.88 12.86
CA CYS B 90 -12.98 -28.08 11.74
C CYS B 90 -12.75 -29.00 10.54
N LEU B 91 -13.16 -28.56 9.35
CA LEU B 91 -12.98 -29.38 8.17
C LEU B 91 -11.50 -29.54 7.82
N SER B 92 -10.67 -28.64 8.35
CA SER B 92 -9.24 -28.68 8.10
C SER B 92 -8.52 -29.52 9.16
N ILE B 93 -9.27 -29.93 10.18
CA ILE B 93 -8.73 -30.76 11.26
C ILE B 93 -9.71 -31.92 11.39
N PRO B 94 -9.79 -32.78 10.37
CA PRO B 94 -10.69 -33.93 10.31
C PRO B 94 -10.89 -34.79 11.55
N GLU B 95 -12.16 -34.94 11.91
CA GLU B 95 -12.60 -35.77 13.02
C GLU B 95 -12.10 -35.44 14.42
N GLN B 96 -11.52 -34.26 14.61
CA GLN B 96 -11.02 -33.87 15.92
C GLN B 96 -11.90 -32.75 16.47
N ARG B 97 -12.19 -32.79 17.76
CA ARG B 97 -13.02 -31.76 18.38
C ARG B 97 -12.48 -31.37 19.75
N ALA B 98 -12.65 -30.11 20.11
CA ALA B 98 -12.17 -29.63 21.41
C ALA B 98 -12.86 -28.34 21.83
N LEU B 99 -13.01 -28.18 23.14
CA LEU B 99 -13.61 -26.99 23.72
C LEU B 99 -12.61 -25.85 23.61
N VAL B 100 -13.05 -24.72 23.05
CA VAL B 100 -12.17 -23.57 22.93
C VAL B 100 -12.93 -22.31 23.36
N PRO B 101 -12.23 -21.37 24.00
CA PRO B 101 -12.87 -20.12 24.46
C PRO B 101 -13.21 -19.16 23.32
N ARG B 102 -14.43 -18.63 23.36
CA ARG B 102 -14.92 -17.68 22.37
C ARG B 102 -15.73 -16.58 23.06
N ALA B 103 -15.90 -15.46 22.38
CA ALA B 103 -16.72 -14.39 22.92
C ALA B 103 -18.14 -14.92 22.75
N GLU B 104 -19.03 -14.56 23.67
CA GLU B 104 -20.41 -15.03 23.60
C GLU B 104 -21.22 -14.25 22.56
N LYS B 105 -20.97 -12.95 22.49
CA LYS B 105 -21.69 -12.09 21.54
C LYS B 105 -20.72 -11.28 20.70
N VAL B 106 -21.06 -11.10 19.43
CA VAL B 106 -20.22 -10.32 18.53
C VAL B 106 -21.06 -9.46 17.61
N LYS B 107 -20.50 -8.33 17.21
CA LYS B 107 -21.17 -7.43 16.29
C LYS B 107 -20.12 -7.20 15.20
N ILE B 108 -20.47 -7.52 13.97
CA ILE B 108 -19.53 -7.35 12.88
C ILE B 108 -20.12 -6.57 11.72
N ARG B 109 -19.24 -6.01 10.89
CA ARG B 109 -19.66 -5.30 9.70
C ARG B 109 -18.93 -6.00 8.57
N ALA B 110 -19.57 -6.13 7.42
CA ALA B 110 -18.96 -6.80 6.29
C ALA B 110 -19.70 -6.45 5.00
N LEU B 111 -19.25 -7.02 3.89
CA LEU B 111 -19.89 -6.78 2.60
C LEU B 111 -20.58 -8.08 2.20
N ASP B 112 -21.77 -7.97 1.62
CA ASP B 112 -22.48 -9.18 1.19
C ASP B 112 -21.98 -9.62 -0.19
N ARG B 113 -22.64 -10.64 -0.74
CA ARG B 113 -22.27 -11.19 -2.04
C ARG B 113 -22.28 -10.15 -3.16
N ASP B 114 -23.03 -9.07 -2.97
CA ASP B 114 -23.12 -8.02 -3.97
C ASP B 114 -22.17 -6.86 -3.69
N GLY B 115 -21.41 -6.98 -2.59
CA GLY B 115 -20.48 -5.93 -2.23
C GLY B 115 -21.10 -4.83 -1.41
N LYS B 116 -22.33 -5.05 -0.96
CA LYS B 116 -23.04 -4.05 -0.16
C LYS B 116 -22.73 -4.26 1.32
N PRO B 117 -22.32 -3.19 2.02
CA PRO B 117 -22.01 -3.29 3.44
C PRO B 117 -23.23 -3.54 4.32
N PHE B 118 -23.03 -4.26 5.41
CA PHE B 118 -24.11 -4.55 6.35
C PHE B 118 -23.53 -4.87 7.72
N GLU B 119 -24.36 -4.71 8.75
CA GLU B 119 -23.92 -5.01 10.11
C GLU B 119 -24.72 -6.19 10.63
N LEU B 120 -24.07 -7.01 11.45
CA LEU B 120 -24.72 -8.19 11.99
C LEU B 120 -24.34 -8.43 13.44
N GLU B 121 -25.35 -8.62 14.29
CA GLU B 121 -25.12 -8.90 15.71
C GLU B 121 -25.45 -10.37 15.88
N ALA B 122 -24.54 -11.12 16.49
CA ALA B 122 -24.76 -12.54 16.67
C ALA B 122 -24.38 -13.04 18.05
N ASP B 123 -24.98 -14.16 18.43
CA ASP B 123 -24.71 -14.81 19.70
C ASP B 123 -24.88 -16.31 19.45
N GLY B 124 -24.91 -17.10 20.52
CA GLY B 124 -25.06 -18.54 20.35
C GLY B 124 -24.06 -19.14 19.38
N LEU B 125 -24.50 -20.15 18.65
CA LEU B 125 -23.62 -20.83 17.70
C LEU B 125 -23.08 -19.94 16.59
N LEU B 126 -23.92 -19.05 16.07
CA LEU B 126 -23.47 -18.18 15.00
C LEU B 126 -22.26 -17.32 15.42
N ALA B 127 -22.30 -16.77 16.63
CA ALA B 127 -21.20 -15.94 17.11
C ALA B 127 -19.91 -16.76 17.14
N ILE B 128 -20.03 -17.99 17.61
CA ILE B 128 -18.88 -18.89 17.70
C ILE B 128 -18.36 -19.19 16.29
N CYS B 129 -19.25 -19.55 15.39
N CYS B 129 -19.25 -19.55 15.39
CA CYS B 129 -18.87 -19.85 14.01
CA CYS B 129 -18.88 -19.86 14.02
C CYS B 129 -18.14 -18.69 13.35
C CYS B 129 -18.14 -18.69 13.35
N ILE B 130 -18.68 -17.48 13.48
CA ILE B 130 -18.06 -16.30 12.90
C ILE B 130 -16.63 -16.11 13.40
N GLN B 131 -16.42 -16.31 14.69
CA GLN B 131 -15.08 -16.14 15.25
C GLN B 131 -14.14 -17.21 14.72
N HIS B 132 -14.66 -18.44 14.62
CA HIS B 132 -13.88 -19.55 14.09
C HIS B 132 -13.46 -19.25 12.65
N GLU B 133 -14.41 -18.79 11.83
CA GLU B 133 -14.11 -18.49 10.43
C GLU B 133 -13.17 -17.30 10.28
N MET B 134 -13.35 -16.27 11.10
CA MET B 134 -12.47 -15.12 11.02
C MET B 134 -11.05 -15.49 11.44
N ASP B 135 -10.93 -16.46 12.36
CA ASP B 135 -9.62 -16.93 12.79
C ASP B 135 -8.89 -17.53 11.58
N HIS B 136 -9.62 -18.33 10.79
CA HIS B 136 -9.03 -18.95 9.61
C HIS B 136 -8.37 -17.91 8.71
N LEU B 137 -9.06 -16.79 8.50
CA LEU B 137 -8.55 -15.73 7.63
C LEU B 137 -7.21 -15.14 8.08
N VAL B 138 -6.89 -15.28 9.36
CA VAL B 138 -5.61 -14.76 9.85
C VAL B 138 -4.66 -15.91 10.21
N GLY B 139 -4.91 -17.07 9.63
CA GLY B 139 -4.06 -18.23 9.85
C GLY B 139 -4.16 -18.90 11.21
N LYS B 140 -5.29 -18.71 11.90
CA LYS B 140 -5.51 -19.31 13.21
C LYS B 140 -6.50 -20.48 13.14
N LEU B 141 -6.18 -21.54 13.88
CA LEU B 141 -7.00 -22.75 13.94
C LEU B 141 -7.45 -22.96 15.39
N PHE B 142 -8.56 -23.65 15.60
CA PHE B 142 -9.05 -23.84 16.95
C PHE B 142 -8.06 -24.58 17.85
N MET B 143 -7.24 -25.44 17.25
CA MET B 143 -6.26 -26.19 18.03
C MET B 143 -5.24 -25.26 18.69
N ASP B 144 -5.07 -24.06 18.13
CA ASP B 144 -4.11 -23.09 18.66
C ASP B 144 -4.42 -22.65 20.09
N TYR B 145 -5.65 -22.87 20.54
CA TYR B 145 -6.06 -22.48 21.88
C TYR B 145 -5.78 -23.54 22.92
N LEU B 146 -5.29 -24.69 22.46
CA LEU B 146 -5.01 -25.81 23.35
C LEU B 146 -3.54 -25.91 23.73
N SER B 147 -3.25 -26.81 24.68
CA SER B 147 -1.88 -27.01 25.12
C SER B 147 -1.03 -27.58 24.00
N PRO B 148 0.29 -27.34 24.04
CA PRO B 148 1.19 -27.85 23.01
C PRO B 148 1.06 -29.36 22.83
N LEU B 149 0.90 -30.06 23.95
CA LEU B 149 0.76 -31.51 23.94
C LEU B 149 -0.53 -31.92 23.22
N LYS B 150 -1.60 -31.20 23.49
CA LYS B 150 -2.89 -31.47 22.86
C LYS B 150 -2.81 -31.19 21.36
N GLN B 151 -2.07 -30.14 21.00
CA GLN B 151 -1.90 -29.78 19.60
C GLN B 151 -1.16 -30.88 18.85
N GLN B 152 -0.08 -31.37 19.46
CA GLN B 152 0.72 -32.43 18.85
C GLN B 152 -0.13 -33.66 18.59
N ARG B 153 -0.91 -34.06 19.59
CA ARG B 153 -1.76 -35.24 19.47
C ARG B 153 -2.77 -35.06 18.34
N ILE B 154 -3.35 -33.88 18.24
CA ILE B 154 -4.33 -33.61 17.19
C ILE B 154 -3.70 -33.73 15.80
N ARG B 155 -2.52 -33.14 15.64
CA ARG B 155 -1.82 -33.19 14.37
C ARG B 155 -1.51 -34.65 13.98
N GLN B 156 -1.09 -35.44 14.97
CA GLN B 156 -0.76 -36.84 14.73
C GLN B 156 -2.00 -37.63 14.30
N LYS B 157 -3.13 -37.37 14.96
CA LYS B 157 -4.37 -38.07 14.64
C LYS B 157 -4.85 -37.74 13.23
N VAL B 158 -4.73 -36.48 12.82
CA VAL B 158 -5.16 -36.07 11.49
C VAL B 158 -4.25 -36.72 10.44
N GLU B 159 -2.95 -36.75 10.72
CA GLU B 159 -2.00 -37.34 9.79
C GLU B 159 -2.26 -38.83 9.63
N LYS B 160 -2.68 -39.50 10.71
CA LYS B 160 -2.98 -40.92 10.64
C LYS B 160 -4.23 -41.12 9.78
N LEU B 161 -5.21 -40.25 9.96
CA LEU B 161 -6.45 -40.33 9.19
C LEU B 161 -6.18 -40.17 7.70
N ASP B 162 -5.33 -39.22 7.35
CA ASP B 162 -5.03 -38.98 5.94
C ASP B 162 -4.14 -40.04 5.31
N ARG B 163 -3.41 -40.81 6.13
CA ARG B 163 -2.57 -41.87 5.58
C ARG B 163 -3.44 -43.05 5.21
N LEU B 164 -4.51 -43.26 5.96
CA LEU B 164 -5.44 -44.35 5.72
C LEU B 164 -6.41 -43.99 4.60
N SER C 1 0.19 10.96 -4.13
CA SER C 1 1.35 10.41 -4.90
C SER C 1 2.00 9.28 -4.13
N VAL C 2 2.72 8.43 -4.84
CA VAL C 2 3.44 7.32 -4.22
C VAL C 2 4.89 7.74 -4.21
N LEU C 3 5.53 7.59 -3.05
CA LEU C 3 6.93 7.99 -2.90
C LEU C 3 7.86 6.80 -2.90
N GLN C 4 9.09 7.02 -3.34
CA GLN C 4 10.09 5.96 -3.38
C GLN C 4 10.56 5.74 -1.94
N VAL C 5 10.73 4.48 -1.57
CA VAL C 5 11.19 4.14 -0.22
C VAL C 5 12.68 3.84 -0.25
N LEU C 6 13.44 4.52 0.60
CA LEU C 6 14.88 4.32 0.66
C LEU C 6 15.23 2.92 1.16
N HIS C 7 16.31 2.35 0.66
CA HIS C 7 16.76 1.03 1.08
C HIS C 7 18.16 1.09 1.68
N ILE C 8 18.47 0.18 2.59
CA ILE C 8 19.80 0.14 3.16
C ILE C 8 20.69 -0.17 1.96
N PRO C 9 21.98 0.25 2.00
CA PRO C 9 22.66 0.97 3.07
C PRO C 9 22.65 2.50 2.93
N ASP C 10 21.57 3.06 2.41
CA ASP C 10 21.46 4.50 2.23
C ASP C 10 21.58 5.22 3.58
N GLU C 11 22.58 6.07 3.72
CA GLU C 11 22.81 6.79 4.97
C GLU C 11 21.71 7.77 5.35
N ARG C 12 20.84 8.11 4.39
CA ARG C 12 19.75 9.03 4.69
C ARG C 12 18.79 8.36 5.68
N LEU C 13 18.84 7.03 5.76
CA LEU C 13 17.98 6.29 6.68
C LEU C 13 18.48 6.43 8.11
N ARG C 14 19.69 6.98 8.26
CA ARG C 14 20.26 7.17 9.59
C ARG C 14 20.07 8.58 10.10
N LYS C 15 19.41 9.43 9.31
CA LYS C 15 19.17 10.81 9.71
C LYS C 15 18.10 10.90 10.80
N VAL C 16 18.29 11.81 11.74
CA VAL C 16 17.34 11.99 12.84
C VAL C 16 16.33 13.07 12.46
N ALA C 17 15.05 12.71 12.49
CA ALA C 17 13.98 13.63 12.12
C ALA C 17 13.75 14.77 13.11
N LYS C 18 13.39 15.93 12.58
CA LYS C 18 13.10 17.10 13.41
C LYS C 18 11.60 17.06 13.69
N PRO C 19 11.16 17.70 14.79
CA PRO C 19 9.73 17.71 15.12
C PRO C 19 8.96 18.54 14.11
N VAL C 20 7.71 18.18 13.88
CA VAL C 20 6.87 18.93 12.96
C VAL C 20 6.52 20.23 13.69
N GLU C 21 6.72 21.38 13.03
CA GLU C 21 6.43 22.65 13.66
C GLU C 21 4.94 22.95 13.69
N GLU C 22 4.28 22.69 12.57
CA GLU C 22 2.84 22.95 12.46
C GLU C 22 2.20 21.94 11.53
N VAL C 23 1.11 21.33 11.99
CA VAL C 23 0.41 20.36 11.16
C VAL C 23 -0.51 21.13 10.23
N ASN C 24 -0.01 21.42 9.04
CA ASN C 24 -0.76 22.17 8.04
C ASN C 24 -1.04 21.35 6.79
N ALA C 25 -1.51 22.02 5.74
CA ALA C 25 -1.82 21.36 4.49
C ALA C 25 -0.60 20.66 3.88
N GLU C 26 0.57 21.26 4.03
CA GLU C 26 1.79 20.66 3.50
C GLU C 26 2.06 19.34 4.20
N ILE C 27 1.94 19.34 5.53
CA ILE C 27 2.15 18.13 6.30
C ILE C 27 1.09 17.10 5.97
N GLN C 28 -0.14 17.56 5.80
CA GLN C 28 -1.23 16.64 5.49
C GLN C 28 -1.05 15.96 4.15
N ARG C 29 -0.46 16.67 3.18
CA ARG C 29 -0.23 16.06 1.87
C ARG C 29 0.81 14.96 2.04
N ILE C 30 1.83 15.22 2.84
CA ILE C 30 2.88 14.24 3.11
C ILE C 30 2.27 13.01 3.77
N VAL C 31 1.40 13.23 4.75
CA VAL C 31 0.74 12.13 5.44
C VAL C 31 -0.04 11.28 4.45
N ASP C 32 -0.80 11.94 3.57
CA ASP C 32 -1.60 11.19 2.60
C ASP C 32 -0.74 10.41 1.62
N ASP C 33 0.37 11.01 1.19
CA ASP C 33 1.25 10.33 0.27
C ASP C 33 1.94 9.16 0.97
N MET C 34 2.22 9.33 2.26
CA MET C 34 2.85 8.25 3.01
C MET C 34 1.91 7.05 3.10
N PHE C 35 0.61 7.32 3.31
CA PHE C 35 -0.36 6.23 3.38
C PHE C 35 -0.43 5.55 2.02
N GLU C 36 -0.48 6.35 0.96
CA GLU C 36 -0.56 5.79 -0.39
C GLU C 36 0.63 4.88 -0.65
N THR C 37 1.79 5.32 -0.21
CA THR C 37 3.03 4.57 -0.38
C THR C 37 3.00 3.29 0.42
N MET C 38 2.61 3.40 1.69
CA MET C 38 2.54 2.25 2.58
C MET C 38 1.62 1.16 2.03
N TYR C 39 0.42 1.55 1.60
CA TYR C 39 -0.52 0.58 1.05
C TYR C 39 -0.02 -0.04 -0.26
N ALA C 40 0.54 0.80 -1.12
CA ALA C 40 1.06 0.33 -2.41
C ALA C 40 2.16 -0.71 -2.21
N GLU C 41 2.96 -0.53 -1.17
CA GLU C 41 4.05 -1.44 -0.86
C GLU C 41 3.65 -2.55 0.11
N GLU C 42 2.37 -2.60 0.46
CA GLU C 42 1.85 -3.62 1.38
C GLU C 42 2.47 -3.63 2.78
N GLY C 43 2.73 -2.44 3.32
CA GLY C 43 3.30 -2.38 4.66
C GLY C 43 2.23 -2.02 5.67
N ILE C 44 2.54 -2.19 6.96
CA ILE C 44 1.58 -1.84 8.01
C ILE C 44 2.00 -0.56 8.71
N GLY C 45 3.14 -0.01 8.30
CA GLY C 45 3.63 1.22 8.89
C GLY C 45 4.66 1.86 7.99
N LEU C 46 4.89 3.15 8.17
CA LEU C 46 5.87 3.89 7.39
C LEU C 46 6.25 5.17 8.13
N ALA C 47 7.55 5.46 8.16
CA ALA C 47 8.05 6.66 8.81
C ALA C 47 8.55 7.62 7.74
N ALA C 48 8.38 8.92 7.96
CA ALA C 48 8.80 9.92 6.99
C ALA C 48 10.25 9.73 6.54
N THR C 49 11.12 9.39 7.50
CA THR C 49 12.53 9.17 7.21
C THR C 49 12.74 8.23 6.03
N GLN C 50 11.87 7.22 5.92
CA GLN C 50 11.96 6.23 4.86
C GLN C 50 11.72 6.77 3.46
N VAL C 51 11.04 7.90 3.35
CA VAL C 51 10.77 8.51 2.04
C VAL C 51 11.56 9.81 1.90
N ASP C 52 12.63 9.91 2.68
CA ASP C 52 13.54 11.07 2.67
C ASP C 52 12.91 12.39 3.13
N ILE C 53 12.00 12.30 4.08
CA ILE C 53 11.36 13.48 4.67
C ILE C 53 11.74 13.34 6.14
N HIS C 54 12.63 14.22 6.60
CA HIS C 54 13.11 14.11 7.96
C HIS C 54 12.40 14.93 9.02
N GLN C 55 11.15 14.56 9.22
CA GLN C 55 10.27 15.16 10.21
C GLN C 55 9.59 14.02 10.94
N ARG C 56 9.20 14.25 12.19
CA ARG C 56 8.58 13.19 12.98
C ARG C 56 7.13 12.91 12.59
N ILE C 57 6.97 12.18 11.49
CA ILE C 57 5.67 11.80 10.97
C ILE C 57 5.64 10.29 10.72
N ILE C 58 4.63 9.62 11.27
CA ILE C 58 4.46 8.19 11.11
C ILE C 58 3.02 7.86 10.72
N VAL C 59 2.86 6.90 9.80
CA VAL C 59 1.52 6.47 9.40
C VAL C 59 1.49 4.97 9.66
N ILE C 60 0.35 4.48 10.15
CA ILE C 60 0.20 3.07 10.47
C ILE C 60 -1.20 2.55 10.17
N ASP C 61 -1.29 1.26 9.85
CA ASP C 61 -2.55 0.59 9.66
C ASP C 61 -2.28 -0.89 9.87
N VAL C 62 -2.68 -1.38 11.04
CA VAL C 62 -2.47 -2.78 11.39
C VAL C 62 -3.76 -3.58 11.28
N SER C 63 -4.80 -2.97 10.71
CA SER C 63 -6.08 -3.65 10.57
C SER C 63 -6.08 -4.74 9.49
N GLU C 64 -6.96 -5.72 9.66
CA GLU C 64 -7.07 -6.83 8.73
C GLU C 64 -7.63 -6.34 7.39
N ASN C 65 -8.58 -5.42 7.43
CA ASN C 65 -9.21 -4.88 6.22
C ASN C 65 -8.41 -3.75 5.57
N ARG C 66 -7.34 -3.33 6.21
CA ARG C 66 -6.48 -2.27 5.67
C ARG C 66 -7.26 -0.96 5.48
N ASP C 67 -8.13 -0.65 6.42
CA ASP C 67 -8.93 0.58 6.34
C ASP C 67 -9.02 1.30 7.67
N GLU C 68 -7.94 1.24 8.44
CA GLU C 68 -7.88 1.87 9.75
C GLU C 68 -6.59 2.70 9.83
N ARG C 69 -6.67 3.93 9.35
CA ARG C 69 -5.51 4.81 9.34
C ARG C 69 -5.17 5.43 10.69
N LEU C 70 -3.91 5.28 11.08
CA LEU C 70 -3.42 5.85 12.34
C LEU C 70 -2.27 6.79 12.01
N VAL C 71 -2.34 8.01 12.53
CA VAL C 71 -1.30 8.99 12.29
C VAL C 71 -0.62 9.41 13.58
N LEU C 72 0.70 9.33 13.59
CA LEU C 72 1.48 9.73 14.76
C LEU C 72 2.47 10.82 14.38
N ILE C 73 2.17 12.06 14.76
CA ILE C 73 3.06 13.18 14.49
C ILE C 73 3.66 13.61 15.83
N ASN C 74 4.98 13.77 15.86
CA ASN C 74 5.70 14.13 17.07
C ASN C 74 5.33 13.20 18.23
N PRO C 75 5.39 11.87 17.99
CA PRO C 75 5.03 10.93 19.05
C PRO C 75 5.99 11.01 20.23
N GLU C 76 5.45 10.82 21.42
CA GLU C 76 6.24 10.83 22.65
C GLU C 76 5.89 9.57 23.44
N LEU C 77 6.91 8.82 23.86
CA LEU C 77 6.67 7.62 24.65
C LEU C 77 6.48 8.05 26.09
N LEU C 78 5.30 7.79 26.65
CA LEU C 78 5.01 8.16 28.03
C LEU C 78 5.36 7.04 28.99
N GLU C 79 5.13 5.80 28.55
CA GLU C 79 5.42 4.64 29.36
C GLU C 79 5.45 3.36 28.53
N LYS C 80 6.18 2.36 29.02
CA LYS C 80 6.28 1.07 28.33
C LYS C 80 6.49 -0.02 29.37
N SER C 81 6.16 -1.26 28.99
CA SER C 81 6.32 -2.36 29.92
C SER C 81 6.41 -3.71 29.21
N GLY C 82 7.05 -4.67 29.88
CA GLY C 82 7.19 -6.00 29.34
C GLY C 82 8.10 -6.12 28.14
N GLU C 83 8.20 -7.33 27.62
CA GLU C 83 9.03 -7.59 26.46
C GLU C 83 8.29 -8.55 25.54
N THR C 84 8.55 -8.45 24.25
CA THR C 84 7.93 -9.31 23.27
C THR C 84 8.76 -9.26 22.00
N GLY C 85 8.34 -10.01 21.00
CA GLY C 85 9.06 -10.01 19.75
C GLY C 85 8.41 -10.89 18.70
N ILE C 86 8.40 -10.40 17.46
CA ILE C 86 7.85 -11.14 16.34
C ILE C 86 8.86 -10.97 15.22
N GLU C 87 8.71 -11.74 14.13
CA GLU C 87 9.62 -11.60 13.03
C GLU C 87 9.20 -10.38 12.23
N GLU C 88 9.95 -9.29 12.41
CA GLU C 88 9.66 -8.04 11.74
C GLU C 88 10.29 -7.92 10.37
N GLY C 89 9.65 -7.12 9.53
CA GLY C 89 10.16 -6.86 8.19
C GLY C 89 10.23 -5.36 8.09
N CYS C 90 10.74 -4.84 6.97
CA CYS C 90 10.85 -3.39 6.78
C CYS C 90 10.94 -3.10 5.29
N LEU C 91 10.19 -2.09 4.83
CA LEU C 91 10.21 -1.74 3.43
C LEU C 91 11.57 -1.20 2.99
N SER C 92 12.40 -0.82 3.95
CA SER C 92 13.73 -0.30 3.66
C SER C 92 14.77 -1.43 3.69
N ILE C 93 14.33 -2.62 4.06
CA ILE C 93 15.19 -3.81 4.13
C ILE C 93 14.42 -4.92 3.42
N PRO C 94 14.24 -4.79 2.09
CA PRO C 94 13.53 -5.72 1.21
C PRO C 94 13.70 -7.22 1.44
N GLU C 95 12.58 -7.90 1.56
CA GLU C 95 12.54 -9.36 1.72
C GLU C 95 13.31 -9.98 2.88
N GLN C 96 13.71 -9.17 3.86
CA GLN C 96 14.45 -9.69 5.00
C GLN C 96 13.59 -9.59 6.26
N ARG C 97 13.61 -10.64 7.07
CA ARG C 97 12.83 -10.65 8.31
C ARG C 97 13.58 -11.27 9.47
N ALA C 98 13.36 -10.74 10.67
CA ALA C 98 14.02 -11.26 11.86
C ALA C 98 13.29 -10.85 13.12
N LEU C 99 13.37 -11.69 14.14
CA LEU C 99 12.74 -11.40 15.42
C LEU C 99 13.64 -10.42 16.16
N VAL C 100 13.03 -9.38 16.73
CA VAL C 100 13.80 -8.40 17.49
C VAL C 100 13.04 -8.04 18.77
N PRO C 101 13.79 -7.73 19.83
CA PRO C 101 13.20 -7.37 21.13
C PRO C 101 12.44 -6.05 21.10
N ARG C 102 11.24 -6.05 21.68
CA ARG C 102 10.40 -4.85 21.76
C ARG C 102 9.67 -4.85 23.09
N ALA C 103 9.15 -3.68 23.47
CA ALA C 103 8.38 -3.58 24.69
C ALA C 103 7.04 -4.21 24.33
N GLU C 104 6.39 -4.86 25.27
CA GLU C 104 5.10 -5.50 25.00
C GLU C 104 3.98 -4.47 24.90
N LYS C 105 4.01 -3.48 25.79
CA LYS C 105 2.98 -2.46 25.82
C LYS C 105 3.61 -1.07 25.85
N VAL C 106 2.96 -0.12 25.17
CA VAL C 106 3.45 1.24 25.15
C VAL C 106 2.29 2.22 25.24
N LYS C 107 2.55 3.37 25.84
CA LYS C 107 1.56 4.43 25.96
C LYS C 107 2.25 5.63 25.35
N ILE C 108 1.67 6.19 24.30
CA ILE C 108 2.27 7.34 23.66
C ILE C 108 1.31 8.51 23.52
N ARG C 109 1.87 9.68 23.33
CA ARG C 109 1.08 10.90 23.12
C ARG C 109 1.59 11.42 21.79
N ALA C 110 0.68 11.89 20.95
CA ALA C 110 1.08 12.41 19.64
C ALA C 110 0.01 13.32 19.06
N LEU C 111 0.29 13.89 17.90
CA LEU C 111 -0.67 14.75 17.22
C LEU C 111 -1.25 13.96 16.06
N ASP C 112 -2.56 14.09 15.83
CA ASP C 112 -3.18 13.37 14.72
C ASP C 112 -3.04 14.16 13.42
N ARG C 113 -3.72 13.71 12.37
CA ARG C 113 -3.62 14.37 11.08
C ARG C 113 -4.09 15.83 11.11
N ASP C 114 -4.91 16.18 12.11
CA ASP C 114 -5.41 17.53 12.23
C ASP C 114 -4.57 18.37 13.19
N GLY C 115 -3.56 17.74 13.78
CA GLY C 115 -2.70 18.45 14.72
C GLY C 115 -3.24 18.42 16.14
N LYS C 116 -4.28 17.64 16.36
CA LYS C 116 -4.88 17.53 17.69
C LYS C 116 -4.16 16.47 18.51
N PRO C 117 -3.79 16.81 19.76
CA PRO C 117 -3.09 15.86 20.62
C PRO C 117 -4.00 14.73 21.07
N PHE C 118 -3.41 13.54 21.22
CA PHE C 118 -4.17 12.39 21.69
C PHE C 118 -3.22 11.42 22.36
N GLU C 119 -3.77 10.56 23.22
CA GLU C 119 -2.97 9.56 23.90
C GLU C 119 -3.46 8.19 23.43
N LEU C 120 -2.52 7.25 23.32
CA LEU C 120 -2.87 5.92 22.86
C LEU C 120 -2.10 4.84 23.63
N GLU C 121 -2.84 3.88 24.17
CA GLU C 121 -2.24 2.76 24.88
C GLU C 121 -2.34 1.59 23.92
N ALA C 122 -1.20 1.02 23.57
CA ALA C 122 -1.19 -0.09 22.62
C ALA C 122 -0.46 -1.31 23.14
N ASP C 123 -0.79 -2.45 22.54
CA ASP C 123 -0.16 -3.72 22.86
C ASP C 123 -0.15 -4.53 21.57
N GLY C 124 0.17 -5.81 21.66
CA GLY C 124 0.20 -6.66 20.48
C GLY C 124 1.01 -6.07 19.33
N LEU C 125 0.53 -6.32 18.11
CA LEU C 125 1.20 -5.85 16.90
C LEU C 125 1.33 -4.33 16.83
N LEU C 126 0.30 -3.61 17.25
CA LEU C 126 0.33 -2.15 17.22
C LEU C 126 1.48 -1.59 18.03
N ALA C 127 1.68 -2.11 19.24
CA ALA C 127 2.76 -1.63 20.11
C ALA C 127 4.10 -1.87 19.43
N ILE C 128 4.25 -3.04 18.80
CA ILE C 128 5.49 -3.38 18.11
C ILE C 128 5.72 -2.43 16.93
N CYS C 129 4.68 -2.24 16.13
N CYS C 129 4.68 -2.24 16.13
CA CYS C 129 4.75 -1.36 14.97
CA CYS C 129 4.75 -1.35 14.98
C CYS C 129 5.14 0.06 15.37
C CYS C 129 5.14 0.06 15.37
N ILE C 130 4.50 0.59 16.41
CA ILE C 130 4.80 1.95 16.88
C ILE C 130 6.28 2.10 17.21
N GLN C 131 6.84 1.10 17.89
CA GLN C 131 8.26 1.15 18.26
C GLN C 131 9.17 1.09 17.05
N HIS C 132 8.81 0.25 16.08
CA HIS C 132 9.59 0.10 14.86
C HIS C 132 9.61 1.44 14.11
N GLU C 133 8.44 2.05 13.96
CA GLU C 133 8.35 3.33 13.26
C GLU C 133 9.07 4.45 14.00
N MET C 134 8.95 4.48 15.33
CA MET C 134 9.62 5.53 16.09
C MET C 134 11.14 5.35 15.98
N ASP C 135 11.60 4.10 15.85
CA ASP C 135 13.02 3.84 15.70
C ASP C 135 13.53 4.51 14.41
N HIS C 136 12.74 4.40 13.34
CA HIS C 136 13.12 5.00 12.07
C HIS C 136 13.39 6.50 12.22
N LEU C 137 12.53 7.17 12.98
CA LEU C 137 12.66 8.62 13.19
C LEU C 137 13.98 9.03 13.85
N VAL C 138 14.63 8.11 14.55
CA VAL C 138 15.90 8.41 15.19
C VAL C 138 17.04 7.66 14.50
N GLY C 139 16.80 7.29 13.24
CA GLY C 139 17.80 6.61 12.44
C GLY C 139 18.13 5.17 12.82
N LYS C 140 17.19 4.49 13.45
CA LYS C 140 17.41 3.10 13.85
C LYS C 140 16.61 2.13 13.00
N LEU C 141 17.23 1.00 12.65
CA LEU C 141 16.60 -0.04 11.85
C LEU C 141 16.53 -1.32 12.67
N PHE C 142 15.56 -2.19 12.36
CA PHE C 142 15.41 -3.41 13.13
C PHE C 142 16.63 -4.32 13.08
N MET C 143 17.38 -4.25 11.98
CA MET C 143 18.57 -5.09 11.85
C MET C 143 19.66 -4.70 12.85
N ASP C 144 19.55 -3.52 13.43
CA ASP C 144 20.53 -3.04 14.40
C ASP C 144 20.54 -3.88 15.68
N TYR C 145 19.45 -4.61 15.92
CA TYR C 145 19.34 -5.44 17.11
C TYR C 145 19.93 -6.83 16.92
N LEU C 146 20.36 -7.12 15.70
CA LEU C 146 20.93 -8.43 15.38
C LEU C 146 22.45 -8.41 15.48
N SER C 147 23.05 -9.60 15.39
CA SER C 147 24.51 -9.70 15.48
C SER C 147 25.18 -9.05 14.28
N PRO C 148 26.43 -8.60 14.44
CA PRO C 148 27.15 -7.97 13.34
C PRO C 148 27.20 -8.87 12.12
N LEU C 149 27.31 -10.18 12.34
CA LEU C 149 27.36 -11.15 11.27
C LEU C 149 26.05 -11.17 10.47
N LYS C 150 24.93 -11.21 11.20
CA LYS C 150 23.63 -11.23 10.54
C LYS C 150 23.35 -9.91 9.84
N GLN C 151 23.84 -8.81 10.41
CA GLN C 151 23.64 -7.51 9.79
C GLN C 151 24.38 -7.50 8.46
N GLN C 152 25.59 -8.05 8.46
CA GLN C 152 26.39 -8.13 7.25
C GLN C 152 25.66 -8.89 6.15
N ARG C 153 25.07 -10.03 6.52
CA ARG C 153 24.35 -10.85 5.56
C ARG C 153 23.14 -10.12 4.99
N ILE C 154 22.41 -9.42 5.86
CA ILE C 154 21.24 -8.67 5.45
C ILE C 154 21.61 -7.60 4.43
N ARG C 155 22.64 -6.82 4.73
CA ARG C 155 23.08 -5.78 3.81
C ARG C 155 23.40 -6.41 2.47
N GLN C 156 24.17 -7.49 2.49
CA GLN C 156 24.55 -8.20 1.27
C GLN C 156 23.34 -8.63 0.45
N LYS C 157 22.38 -9.27 1.09
CA LYS C 157 21.19 -9.75 0.40
C LYS C 157 20.40 -8.61 -0.25
N VAL C 158 20.21 -7.52 0.48
CA VAL C 158 19.47 -6.39 -0.06
C VAL C 158 20.22 -5.78 -1.24
N GLU C 159 21.54 -5.71 -1.14
CA GLU C 159 22.37 -5.16 -2.20
C GLU C 159 22.12 -5.92 -3.50
N LYS C 160 22.19 -7.26 -3.41
CA LYS C 160 21.97 -8.10 -4.58
C LYS C 160 20.57 -7.92 -5.13
N LEU C 161 19.57 -7.91 -4.25
CA LEU C 161 18.19 -7.73 -4.66
C LEU C 161 18.04 -6.48 -5.52
N ASP C 162 18.51 -5.35 -5.01
CA ASP C 162 18.41 -4.09 -5.74
C ASP C 162 19.28 -4.10 -6.99
N ARG C 163 20.35 -4.88 -6.98
CA ARG C 163 21.23 -4.98 -8.13
C ARG C 163 20.47 -5.60 -9.29
N LEU C 164 19.61 -6.57 -8.96
CA LEU C 164 18.80 -7.25 -9.96
C LEU C 164 17.70 -6.32 -10.47
N LYS C 165 16.91 -5.80 -9.55
CA LYS C 165 15.81 -4.90 -9.88
C LYS C 165 16.28 -3.78 -10.82
N ALA C 166 17.51 -3.35 -10.62
CA ALA C 166 18.09 -2.30 -11.46
C ALA C 166 18.39 -2.83 -12.86
#